data_7NEL
#
_entry.id   7NEL
#
_cell.length_a   55.800
_cell.length_b   82.770
_cell.length_c   58.690
_cell.angle_alpha   90.000
_cell.angle_beta   108.816
_cell.angle_gamma   90.000
#
_symmetry.space_group_name_H-M   'P 1 21 1'
#
loop_
_entity.id
_entity.type
_entity.pdbx_description
1 polymer 'Estrogen receptor'
2 polymer 'Nuclear receptor coactivator 2'
3 non-polymer ESTRADIOL
4 non-polymer 1,2-ETHANEDIOL
5 non-polymer GLYCEROL
6 non-polymer 'SODIUM ION'
7 non-polymer 'CHLORIDE ION'
8 water water
#
loop_
_entity_poly.entity_id
_entity_poly.type
_entity_poly.pdbx_seq_one_letter_code
_entity_poly.pdbx_strand_id
1 'polypeptide(L)'
;SMNSLALSLTADQIISALLEAEPPILYSEYDPSRPFSEAYMMGLLTNLADRELVHMINWAKKVPGFVDLSLHDQVHLLES
AWLEILMIGLVWRSMDHPGKLLFAPDLLLDREQGKSVEGMVEIFDMLLATSERFREMKLQREEFVCLKAIILLNSGVYTF
LSSTLKSLENKEKIHRMLDKITDALIWYMAKSGLSLQQQHQRLAQLLLILSHIRHMSNKGMEHLYSMKSKNVVPLSDLLL
EMLDAHR
;
A,B
2 'polypeptide(L)' (ACE)KHKILHRLLQDSSS C,D
#
# COMPACT_ATOMS: atom_id res chain seq x y z
N SER A 4 2.35 18.84 22.99
CA SER A 4 0.91 19.01 22.77
C SER A 4 0.11 18.16 23.74
N LEU A 5 -1.16 18.52 23.95
CA LEU A 5 -2.03 17.70 24.77
C LEU A 5 -2.30 16.35 24.11
N ALA A 6 -2.44 16.34 22.79
CA ALA A 6 -2.73 15.09 22.09
C ALA A 6 -1.63 14.05 22.33
N LEU A 7 -0.36 14.48 22.26
CA LEU A 7 0.74 13.55 22.40
C LEU A 7 0.94 13.05 23.82
N SER A 8 0.18 13.58 24.79
CA SER A 8 0.24 13.11 26.17
C SER A 8 -0.91 12.16 26.52
N LEU A 9 -1.84 11.91 25.60
CA LEU A 9 -2.93 10.99 25.90
C LEU A 9 -2.39 9.58 26.11
N THR A 10 -3.08 8.83 26.98
CA THR A 10 -2.74 7.42 27.17
C THR A 10 -3.37 6.57 26.07
N ALA A 11 -2.89 5.33 25.97
CA ALA A 11 -3.44 4.39 24.99
C ALA A 11 -4.95 4.24 25.17
N ASP A 12 -5.41 4.11 26.42
CA ASP A 12 -6.84 4.00 26.67
C ASP A 12 -7.58 5.23 26.19
N GLN A 13 -7.02 6.42 26.45
CA GLN A 13 -7.67 7.65 26.02
C GLN A 13 -7.71 7.75 24.49
N ILE A 14 -6.64 7.30 23.81
CA ILE A 14 -6.61 7.35 22.35
C ILE A 14 -7.71 6.48 21.76
N ILE A 15 -7.82 5.24 22.26
CA ILE A 15 -8.83 4.33 21.74
C ILE A 15 -10.22 4.87 22.03
N SER A 16 -10.44 5.38 23.25
CA SER A 16 -11.74 5.94 23.59
C SER A 16 -12.09 7.11 22.67
N ALA A 17 -11.15 8.01 22.45
CA ALA A 17 -11.38 9.15 21.57
C ALA A 17 -11.77 8.68 20.18
N LEU A 18 -11.05 7.70 19.65
CA LEU A 18 -11.33 7.22 18.31
C LEU A 18 -12.68 6.52 18.24
N LEU A 19 -13.02 5.72 19.24
CA LEU A 19 -14.34 5.09 19.25
C LEU A 19 -15.45 6.15 19.28
N GLU A 20 -15.30 7.18 20.12
CA GLU A 20 -16.32 8.22 20.22
C GLU A 20 -16.45 9.02 18.93
N ALA A 21 -15.38 9.13 18.16
CA ALA A 21 -15.37 9.92 16.93
C ALA A 21 -16.01 9.19 15.75
N GLU A 22 -16.39 7.94 15.92
CA GLU A 22 -16.84 7.15 14.77
C GLU A 22 -17.98 7.87 14.05
N PRO A 23 -17.95 7.91 12.72
CA PRO A 23 -18.99 8.60 11.98
C PRO A 23 -20.26 7.78 11.92
N PRO A 24 -21.39 8.41 11.60
CA PRO A 24 -22.62 7.64 11.41
C PRO A 24 -22.57 6.81 10.14
N ILE A 25 -23.44 5.81 10.11
CA ILE A 25 -23.65 4.97 8.93
C ILE A 25 -24.80 5.61 8.15
N LEU A 26 -24.51 6.10 6.96
CA LEU A 26 -25.48 6.82 6.15
C LEU A 26 -26.26 5.87 5.24
N TYR A 27 -27.40 6.34 4.76
CA TYR A 27 -28.19 5.61 3.80
C TYR A 27 -27.91 6.13 2.40
N SER A 28 -28.07 5.25 1.40
CA SER A 28 -27.94 5.66 0.00
C SER A 28 -29.23 6.34 -0.45
N GLU A 29 -29.21 6.88 -1.66
CA GLU A 29 -30.43 7.42 -2.28
C GLU A 29 -31.16 6.39 -3.13
N TYR A 30 -30.86 5.11 -2.96
CA TYR A 30 -31.39 4.07 -3.83
C TYR A 30 -32.92 4.08 -3.83
N ASP A 31 -33.48 4.15 -5.03
CA ASP A 31 -34.92 4.02 -5.28
C ASP A 31 -35.13 2.66 -5.90
N PRO A 32 -35.61 1.65 -5.15
CA PRO A 32 -35.72 0.30 -5.73
C PRO A 32 -36.81 0.17 -6.77
N SER A 33 -37.51 1.25 -7.11
CA SER A 33 -38.41 1.19 -8.27
C SER A 33 -37.64 1.20 -9.58
N ARG A 34 -36.36 1.52 -9.55
CA ARG A 34 -35.51 1.69 -10.72
C ARG A 34 -34.45 0.59 -10.80
N PRO A 35 -34.15 0.07 -11.98
CA PRO A 35 -33.04 -0.87 -12.13
C PRO A 35 -31.68 -0.15 -12.11
N PHE A 36 -30.63 -0.97 -11.90
CA PHE A 36 -29.24 -0.52 -11.79
C PHE A 36 -28.55 -0.43 -13.14
N SER A 37 -28.64 0.72 -13.78
CA SER A 37 -27.77 0.96 -14.91
C SER A 37 -26.39 1.35 -14.40
N GLU A 38 -25.41 1.35 -15.32
CA GLU A 38 -24.08 1.82 -14.96
C GLU A 38 -24.14 3.23 -14.39
N ALA A 39 -24.84 4.13 -15.07
CA ALA A 39 -24.90 5.51 -14.62
C ALA A 39 -25.61 5.63 -13.27
N TYR A 40 -26.71 4.91 -13.09
CA TYR A 40 -27.45 5.01 -11.84
C TYR A 40 -26.64 4.46 -10.68
N MET A 41 -25.99 3.32 -10.86
CA MET A 41 -25.17 2.77 -9.78
CA MET A 41 -25.17 2.76 -9.79
C MET A 41 -24.03 3.71 -9.43
N MET A 42 -23.32 4.22 -10.45
CA MET A 42 -22.25 5.17 -10.17
C MET A 42 -22.79 6.43 -9.48
N GLY A 43 -23.97 6.89 -9.86
CA GLY A 43 -24.55 8.04 -9.18
C GLY A 43 -24.80 7.76 -7.71
N LEU A 44 -25.33 6.58 -7.41
CA LEU A 44 -25.62 6.23 -6.02
C LEU A 44 -24.36 6.14 -5.19
N LEU A 45 -23.32 5.53 -5.75
CA LEU A 45 -22.11 5.33 -4.97
C LEU A 45 -21.36 6.64 -4.76
N THR A 46 -21.31 7.50 -5.77
CA THR A 46 -20.64 8.79 -5.61
C THR A 46 -21.45 9.75 -4.75
N ASN A 47 -22.78 9.71 -4.85
CA ASN A 47 -23.59 10.54 -3.95
C ASN A 47 -23.35 10.13 -2.50
N LEU A 48 -23.33 8.82 -2.25
CA LEU A 48 -23.02 8.33 -0.91
C LEU A 48 -21.64 8.77 -0.46
N ALA A 49 -20.64 8.61 -1.32
CA ALA A 49 -19.29 9.02 -0.96
C ALA A 49 -19.23 10.49 -0.61
N ASP A 50 -19.91 11.33 -1.40
CA ASP A 50 -19.88 12.76 -1.13
C ASP A 50 -20.43 13.07 0.26
N ARG A 51 -21.55 12.45 0.63
CA ARG A 51 -22.13 12.73 1.94
C ARG A 51 -21.26 12.15 3.05
N GLU A 52 -20.65 10.99 2.82
CA GLU A 52 -19.74 10.44 3.81
C GLU A 52 -18.51 11.33 4.00
N LEU A 53 -18.06 12.01 2.95
CA LEU A 53 -16.85 12.83 3.09
C LEU A 53 -17.05 13.95 4.10
N VAL A 54 -18.26 14.51 4.16
CA VAL A 54 -18.49 15.58 5.13
C VAL A 54 -18.31 15.05 6.54
N HIS A 55 -18.85 13.86 6.81
CA HIS A 55 -18.69 13.25 8.11
C HIS A 55 -17.25 12.80 8.33
N MET A 56 -16.55 12.46 7.25
CA MET A 56 -15.14 12.08 7.39
C MET A 56 -14.30 13.27 7.84
N ILE A 57 -14.61 14.45 7.31
CA ILE A 57 -13.90 15.66 7.70
C ILE A 57 -14.14 15.94 9.17
N ASN A 58 -15.40 15.77 9.60
CA ASN A 58 -15.73 15.93 11.01
CA ASN A 58 -15.74 15.92 11.00
C ASN A 58 -14.98 14.93 11.86
N TRP A 59 -14.92 13.67 11.41
CA TRP A 59 -14.19 12.64 12.13
C TRP A 59 -12.70 12.97 12.23
N ALA A 60 -12.11 13.43 11.13
CA ALA A 60 -10.67 13.69 11.13
C ALA A 60 -10.33 14.75 12.16
N LYS A 61 -11.18 15.78 12.29
CA LYS A 61 -10.93 16.82 13.27
C LYS A 61 -10.93 16.27 14.70
N LYS A 62 -11.45 15.06 14.91
CA LYS A 62 -11.48 14.45 16.22
C LYS A 62 -10.35 13.45 16.43
N VAL A 63 -9.58 13.15 15.40
CA VAL A 63 -8.43 12.28 15.57
C VAL A 63 -7.38 13.07 16.34
N PRO A 64 -6.90 12.55 17.48
CA PRO A 64 -6.01 13.35 18.33
C PRO A 64 -4.83 13.96 17.56
N GLY A 65 -4.65 15.27 17.74
CA GLY A 65 -3.56 16.00 17.14
C GLY A 65 -3.84 16.51 15.74
N PHE A 66 -4.86 16.00 15.04
CA PHE A 66 -5.03 16.34 13.63
C PHE A 66 -5.19 17.83 13.45
N VAL A 67 -6.02 18.47 14.28
CA VAL A 67 -6.28 19.89 14.12
C VAL A 67 -5.11 20.76 14.57
N ASP A 68 -4.08 20.16 15.17
CA ASP A 68 -2.86 20.89 15.48
C ASP A 68 -1.97 21.08 14.26
N LEU A 69 -2.23 20.35 13.18
CA LEU A 69 -1.50 20.50 11.94
C LEU A 69 -1.99 21.72 11.19
N SER A 70 -1.11 22.24 10.34
CA SER A 70 -1.50 23.28 9.38
C SER A 70 -2.67 22.80 8.53
N LEU A 71 -3.53 23.74 8.15
CA LEU A 71 -4.64 23.38 7.26
C LEU A 71 -4.14 22.78 5.96
N HIS A 72 -2.98 23.21 5.46
CA HIS A 72 -2.43 22.60 4.25
C HIS A 72 -2.11 21.13 4.47
N ASP A 73 -1.58 20.79 5.64
CA ASP A 73 -1.29 19.39 5.90
C ASP A 73 -2.57 18.58 6.10
N GLN A 74 -3.56 19.16 6.79
CA GLN A 74 -4.85 18.49 6.91
C GLN A 74 -5.47 18.21 5.56
N VAL A 75 -5.46 19.22 4.68
CA VAL A 75 -5.97 19.04 3.32
C VAL A 75 -5.22 17.90 2.63
N HIS A 76 -3.89 17.96 2.66
CA HIS A 76 -3.11 16.97 1.92
C HIS A 76 -3.36 15.56 2.44
N LEU A 77 -3.38 15.39 3.77
CA LEU A 77 -3.60 14.06 4.33
C LEU A 77 -4.95 13.49 3.94
N LEU A 78 -6.01 14.31 3.97
CA LEU A 78 -7.31 13.81 3.59
C LEU A 78 -7.40 13.57 2.08
N GLU A 79 -6.75 14.42 1.29
CA GLU A 79 -6.73 14.19 -0.15
C GLU A 79 -6.06 12.86 -0.48
N SER A 80 -5.02 12.52 0.26
CA SER A 80 -4.31 11.27 0.01
CA SER A 80 -4.32 11.27 0.00
C SER A 80 -5.14 10.06 0.42
N ALA A 81 -5.83 10.15 1.56
CA ALA A 81 -6.39 8.99 2.24
C ALA A 81 -7.88 8.75 2.02
N TRP A 82 -8.62 9.68 1.41
CA TRP A 82 -10.07 9.64 1.54
C TRP A 82 -10.67 8.33 1.03
N LEU A 83 -10.21 7.85 -0.12
CA LEU A 83 -10.82 6.64 -0.68
C LEU A 83 -10.41 5.41 0.12
N GLU A 84 -9.17 5.39 0.62
CA GLU A 84 -8.77 4.31 1.52
C GLU A 84 -9.67 4.28 2.75
N ILE A 85 -10.03 5.47 3.26
CA ILE A 85 -10.84 5.53 4.46
C ILE A 85 -12.25 5.07 4.17
N LEU A 86 -12.80 5.47 3.02
CA LEU A 86 -14.13 5.00 2.65
C LEU A 86 -14.14 3.50 2.46
N MET A 87 -13.08 2.96 1.86
CA MET A 87 -13.01 1.54 1.59
C MET A 87 -12.83 0.72 2.87
N ILE A 88 -11.97 1.16 3.80
CA ILE A 88 -11.82 0.39 5.03
C ILE A 88 -13.12 0.39 5.82
N GLY A 89 -13.84 1.52 5.82
CA GLY A 89 -15.15 1.54 6.46
C GLY A 89 -16.13 0.58 5.81
N LEU A 90 -16.17 0.59 4.48
CA LEU A 90 -17.03 -0.35 3.76
C LEU A 90 -16.72 -1.80 4.13
N VAL A 91 -15.44 -2.16 4.18
CA VAL A 91 -15.07 -3.53 4.49
C VAL A 91 -15.52 -3.88 5.90
N TRP A 92 -15.32 -2.95 6.82
CA TRP A 92 -15.75 -3.16 8.21
C TRP A 92 -17.27 -3.39 8.27
N ARG A 93 -18.04 -2.52 7.61
CA ARG A 93 -19.49 -2.65 7.61
C ARG A 93 -19.95 -3.97 7.01
N SER A 94 -19.15 -4.56 6.13
CA SER A 94 -19.50 -5.75 5.38
C SER A 94 -19.11 -7.06 6.06
N MET A 95 -18.45 -7.01 7.21
CA MET A 95 -17.95 -8.24 7.82
C MET A 95 -19.08 -9.21 8.14
N ASP A 96 -20.23 -8.71 8.55
CA ASP A 96 -21.34 -9.58 8.92
C ASP A 96 -22.13 -10.08 7.71
N HIS A 97 -21.67 -9.80 6.49
CA HIS A 97 -22.41 -10.12 5.27
C HIS A 97 -21.49 -10.78 4.26
N PRO A 98 -21.05 -12.01 4.54
CA PRO A 98 -20.17 -12.71 3.59
C PRO A 98 -20.73 -12.68 2.19
N GLY A 99 -19.88 -12.37 1.22
CA GLY A 99 -20.26 -12.30 -0.17
C GLY A 99 -20.90 -11.00 -0.61
N LYS A 100 -21.11 -10.06 0.30
CA LYS A 100 -21.77 -8.81 -0.05
C LYS A 100 -21.01 -7.62 0.50
N LEU A 101 -21.26 -6.46 -0.11
CA LEU A 101 -20.65 -5.20 0.33
C LEU A 101 -21.79 -4.31 0.80
N LEU A 102 -21.73 -3.92 2.06
CA LEU A 102 -22.77 -3.09 2.69
C LEU A 102 -22.36 -1.64 2.51
N PHE A 103 -22.58 -1.14 1.29
CA PHE A 103 -22.32 0.28 1.04
C PHE A 103 -23.15 1.14 1.98
N ALA A 104 -24.41 0.75 2.18
CA ALA A 104 -25.32 1.38 3.11
C ALA A 104 -26.31 0.31 3.53
N PRO A 105 -27.06 0.53 4.61
CA PRO A 105 -27.99 -0.51 5.03
C PRO A 105 -29.04 -0.82 3.97
N ASP A 106 -29.34 0.14 3.09
CA ASP A 106 -30.29 -0.05 2.00
C ASP A 106 -29.62 -0.35 0.67
N LEU A 107 -28.30 -0.55 0.67
CA LEU A 107 -27.54 -0.80 -0.57
C LEU A 107 -26.47 -1.85 -0.24
N LEU A 108 -26.94 -3.10 -0.18
CA LEU A 108 -26.12 -4.25 0.13
C LEU A 108 -25.98 -5.01 -1.18
N LEU A 109 -24.78 -5.00 -1.75
CA LEU A 109 -24.57 -5.45 -3.12
C LEU A 109 -23.68 -6.68 -3.16
N ASP A 110 -23.97 -7.57 -4.09
CA ASP A 110 -23.09 -8.69 -4.39
C ASP A 110 -22.29 -8.41 -5.67
N ARG A 111 -21.34 -9.30 -5.98
CA ARG A 111 -20.45 -9.01 -7.10
C ARG A 111 -21.19 -8.98 -8.42
N GLU A 112 -22.28 -9.72 -8.55
CA GLU A 112 -23.05 -9.69 -9.79
C GLU A 112 -23.67 -8.32 -10.01
N GLN A 113 -24.15 -7.68 -8.94
CA GLN A 113 -24.62 -6.31 -9.04
C GLN A 113 -23.48 -5.36 -9.39
N GLY A 114 -22.28 -5.63 -8.90
CA GLY A 114 -21.14 -4.80 -9.28
C GLY A 114 -20.89 -4.79 -10.77
N LYS A 115 -21.25 -5.87 -11.47
CA LYS A 115 -21.04 -5.93 -12.90
C LYS A 115 -21.89 -4.92 -13.66
N SER A 116 -22.81 -4.21 -13.00
CA SER A 116 -23.59 -3.19 -13.70
CA SER A 116 -23.59 -3.19 -13.68
C SER A 116 -22.72 -2.03 -14.16
N VAL A 117 -21.53 -1.87 -13.59
CA VAL A 117 -20.59 -0.81 -13.93
C VAL A 117 -19.34 -1.44 -14.53
N GLU A 118 -18.92 -0.95 -15.70
CA GLU A 118 -17.72 -1.48 -16.33
C GLU A 118 -16.51 -1.31 -15.43
N GLY A 119 -15.71 -2.37 -15.30
CA GLY A 119 -14.50 -2.34 -14.50
C GLY A 119 -14.71 -2.40 -13.00
N MET A 120 -15.96 -2.44 -12.55
CA MET A 120 -16.20 -2.40 -11.11
C MET A 120 -16.05 -3.75 -10.44
N VAL A 121 -16.38 -4.85 -11.12
CA VAL A 121 -16.41 -6.13 -10.41
C VAL A 121 -15.03 -6.49 -9.92
N GLU A 122 -13.99 -6.09 -10.65
CA GLU A 122 -12.63 -6.38 -10.21
C GLU A 122 -12.36 -5.74 -8.85
N ILE A 123 -12.86 -4.51 -8.64
CA ILE A 123 -12.68 -3.82 -7.38
C ILE A 123 -13.55 -4.44 -6.29
N PHE A 124 -14.80 -4.76 -6.63
CA PHE A 124 -15.69 -5.48 -5.71
C PHE A 124 -15.01 -6.74 -5.18
N ASP A 125 -14.40 -7.53 -6.06
CA ASP A 125 -13.77 -8.77 -5.61
C ASP A 125 -12.65 -8.51 -4.62
N MET A 126 -11.88 -7.44 -4.83
CA MET A 126 -10.81 -7.12 -3.89
C MET A 126 -11.38 -6.73 -2.54
N LEU A 127 -12.44 -5.92 -2.55
CA LEU A 127 -13.08 -5.52 -1.30
C LEU A 127 -13.69 -6.70 -0.58
N LEU A 128 -14.33 -7.62 -1.31
CA LEU A 128 -14.89 -8.81 -0.69
C LEU A 128 -13.81 -9.68 -0.07
N ALA A 129 -12.68 -9.83 -0.77
CA ALA A 129 -11.55 -10.56 -0.21
C ALA A 129 -11.03 -9.89 1.06
N THR A 130 -11.07 -8.57 1.10
CA THR A 130 -10.59 -7.89 2.30
C THR A 130 -11.56 -8.11 3.45
N SER A 131 -12.86 -8.12 3.17
CA SER A 131 -13.84 -8.43 4.21
CA SER A 131 -13.84 -8.43 4.22
C SER A 131 -13.60 -9.83 4.77
N GLU A 132 -13.33 -10.78 3.89
CA GLU A 132 -13.02 -12.14 4.32
C GLU A 132 -11.79 -12.16 5.21
N ARG A 133 -10.75 -11.38 4.84
CA ARG A 133 -9.56 -11.30 5.67
C ARG A 133 -9.90 -10.74 7.05
N PHE A 134 -10.75 -9.72 7.11
CA PHE A 134 -11.18 -9.17 8.40
C PHE A 134 -11.88 -10.25 9.22
N ARG A 135 -12.70 -11.07 8.58
CA ARG A 135 -13.38 -12.14 9.31
C ARG A 135 -12.37 -13.19 9.79
N GLU A 136 -11.43 -13.58 8.93
CA GLU A 136 -10.42 -14.55 9.33
C GLU A 136 -9.65 -14.08 10.56
N MET A 137 -9.33 -12.79 10.61
CA MET A 137 -8.58 -12.22 11.71
C MET A 137 -9.43 -11.90 12.92
N LYS A 138 -10.75 -11.99 12.82
CA LYS A 138 -11.66 -11.51 13.86
C LYS A 138 -11.31 -10.08 14.27
N LEU A 139 -11.25 -9.19 13.28
CA LEU A 139 -10.88 -7.81 13.55
C LEU A 139 -11.87 -7.18 14.52
N GLN A 140 -11.33 -6.48 15.52
CA GLN A 140 -12.13 -5.83 16.55
C GLN A 140 -12.29 -4.34 16.26
N ARG A 141 -13.38 -3.76 16.78
CA ARG A 141 -13.65 -2.35 16.48
C ARG A 141 -12.51 -1.46 16.93
N GLU A 142 -11.91 -1.75 18.09
CA GLU A 142 -10.77 -0.96 18.56
C GLU A 142 -9.60 -1.02 17.58
N GLU A 143 -9.38 -2.18 16.96
CA GLU A 143 -8.31 -2.30 15.98
C GLU A 143 -8.66 -1.54 14.70
N PHE A 144 -9.90 -1.66 14.25
CA PHE A 144 -10.38 -0.95 13.06
C PHE A 144 -10.16 0.56 13.19
N VAL A 145 -10.57 1.16 14.31
CA VAL A 145 -10.46 2.62 14.44
C VAL A 145 -9.00 3.05 14.49
N CYS A 146 -8.13 2.25 15.10
CA CYS A 146 -6.70 2.56 15.04
C CYS A 146 -6.20 2.52 13.60
N LEU A 147 -6.62 1.51 12.83
CA LEU A 147 -6.14 1.40 11.45
C LEU A 147 -6.61 2.57 10.60
N LYS A 148 -7.85 3.01 10.81
CA LYS A 148 -8.37 4.13 10.03
C LYS A 148 -7.62 5.41 10.36
N ALA A 149 -7.28 5.62 11.64
CA ALA A 149 -6.51 6.78 12.01
C ALA A 149 -5.09 6.71 11.45
N ILE A 150 -4.51 5.51 11.41
CA ILE A 150 -3.19 5.35 10.82
C ILE A 150 -3.21 5.72 9.35
N ILE A 151 -4.23 5.26 8.61
CA ILE A 151 -4.35 5.62 7.19
C ILE A 151 -4.36 7.13 7.03
N LEU A 152 -5.20 7.80 7.82
CA LEU A 152 -5.30 9.26 7.73
C LEU A 152 -3.94 9.92 7.90
N LEU A 153 -3.17 9.48 8.90
CA LEU A 153 -1.89 10.15 9.19
C LEU A 153 -0.76 9.69 8.29
N ASN A 154 -0.83 8.48 7.73
CA ASN A 154 0.29 7.91 7.02
C ASN A 154 0.23 8.07 5.51
N SER A 155 -0.95 8.00 4.90
CA SER A 155 -0.98 7.81 3.45
C SER A 155 -0.28 8.93 2.71
N GLY A 156 -0.43 10.17 3.17
CA GLY A 156 0.14 11.32 2.50
C GLY A 156 1.44 11.81 3.06
N VAL A 157 2.05 11.10 4.01
CA VAL A 157 3.19 11.67 4.70
C VAL A 157 4.48 11.68 3.87
N TYR A 158 4.60 10.87 2.80
CA TYR A 158 5.83 10.77 1.98
C TYR A 158 5.61 11.14 0.52
N THR A 159 4.81 12.17 0.25
CA THR A 159 4.52 12.54 -1.13
C THR A 159 5.71 13.25 -1.78
N PHE A 160 6.39 14.12 -1.05
CA PHE A 160 7.60 14.77 -1.57
C PHE A 160 8.64 14.95 -0.47
N SER A 163 11.40 20.70 2.39
CA SER A 163 12.66 21.25 2.90
C SER A 163 12.41 22.31 3.95
N THR A 164 11.31 23.03 3.81
CA THR A 164 10.99 24.10 4.76
C THR A 164 10.94 23.54 6.17
N LEU A 165 11.27 24.40 7.14
CA LEU A 165 11.26 23.97 8.54
C LEU A 165 9.86 23.66 9.02
N LYS A 166 8.85 24.36 8.50
CA LYS A 166 7.47 24.07 8.89
C LYS A 166 7.05 22.68 8.42
N SER A 167 7.50 22.26 7.24
CA SER A 167 7.21 20.92 6.77
C SER A 167 7.79 19.87 7.72
N LEU A 168 8.97 20.13 8.27
CA LEU A 168 9.58 19.18 9.20
C LEU A 168 8.85 19.19 10.54
N GLU A 169 8.39 20.35 10.99
CA GLU A 169 7.74 20.42 12.29
C GLU A 169 6.41 19.66 12.30
N ASN A 170 5.62 19.79 11.24
CA ASN A 170 4.37 19.03 11.15
C ASN A 170 4.64 17.54 10.95
N LYS A 171 5.64 17.21 10.14
CA LYS A 171 5.94 15.80 9.89
C LYS A 171 6.36 15.08 11.16
N GLU A 172 7.12 15.77 12.01
CA GLU A 172 7.52 15.17 13.30
C GLU A 172 6.31 14.93 14.18
N LYS A 173 5.36 15.86 14.19
CA LYS A 173 4.13 15.65 14.97
C LYS A 173 3.37 14.43 14.47
N ILE A 174 3.28 14.27 13.15
CA ILE A 174 2.57 13.14 12.58
C ILE A 174 3.24 11.83 12.99
N HIS A 175 4.57 11.77 12.91
CA HIS A 175 5.26 10.53 13.25
C HIS A 175 5.09 10.18 14.73
N ARG A 176 5.11 11.19 15.60
CA ARG A 176 4.90 10.93 17.03
C ARG A 176 3.52 10.35 17.29
N MET A 177 2.49 10.88 16.62
CA MET A 177 1.15 10.36 16.85
C MET A 177 0.98 8.98 16.24
N LEU A 178 1.62 8.71 15.09
CA LEU A 178 1.58 7.35 14.56
C LEU A 178 2.16 6.37 15.56
N ASP A 179 3.25 6.75 16.23
CA ASP A 179 3.82 5.88 17.26
C ASP A 179 2.85 5.67 18.41
N LYS A 180 2.11 6.72 18.78
CA LYS A 180 1.13 6.59 19.87
C LYS A 180 0.01 5.63 19.49
N ILE A 181 -0.40 5.62 18.23
CA ILE A 181 -1.42 4.68 17.81
C ILE A 181 -0.88 3.26 17.81
N THR A 182 0.38 3.07 17.39
CA THR A 182 0.99 1.75 17.55
C THR A 182 0.92 1.31 19.01
N ASP A 183 1.33 2.19 19.94
CA ASP A 183 1.24 1.89 21.36
C ASP A 183 -0.16 1.45 21.74
N ALA A 184 -1.18 2.17 21.23
CA ALA A 184 -2.56 1.88 21.60
C ALA A 184 -2.98 0.51 21.06
N LEU A 185 -2.60 0.19 19.81
CA LEU A 185 -2.94 -1.10 19.24
C LEU A 185 -2.36 -2.24 20.07
N ILE A 186 -1.07 -2.13 20.40
CA ILE A 186 -0.42 -3.15 21.22
C ILE A 186 -1.10 -3.25 22.57
N TRP A 187 -1.42 -2.11 23.18
CA TRP A 187 -2.05 -2.12 24.49
C TRP A 187 -3.38 -2.85 24.43
N TYR A 188 -4.18 -2.58 23.39
CA TYR A 188 -5.46 -3.27 23.24
C TYR A 188 -5.26 -4.77 23.09
N MET A 189 -4.29 -5.19 22.28
CA MET A 189 -4.01 -6.61 22.11
C MET A 189 -3.54 -7.25 23.40
N ALA A 190 -2.64 -6.59 24.13
CA ALA A 190 -2.20 -7.12 25.41
C ALA A 190 -3.37 -7.24 26.37
N LYS A 191 -4.17 -6.18 26.48
CA LYS A 191 -5.33 -6.20 27.37
C LYS A 191 -6.27 -7.35 26.99
N SER A 192 -6.35 -7.69 25.71
CA SER A 192 -7.21 -8.75 25.22
C SER A 192 -6.62 -10.14 25.44
N GLY A 193 -5.40 -10.23 25.95
CA GLY A 193 -4.83 -11.51 26.33
C GLY A 193 -3.86 -12.11 25.34
N LEU A 194 -3.49 -11.40 24.28
CA LEU A 194 -2.54 -11.95 23.34
C LEU A 194 -1.15 -12.05 23.96
N SER A 195 -0.43 -13.11 23.64
CA SER A 195 0.95 -13.23 24.08
C SER A 195 1.80 -12.18 23.38
N LEU A 196 3.00 -11.98 23.92
CA LEU A 196 3.91 -10.98 23.37
C LEU A 196 4.24 -11.28 21.92
N GLN A 197 4.44 -12.56 21.58
CA GLN A 197 4.69 -12.91 20.18
C GLN A 197 3.46 -12.69 19.32
N GLN A 198 2.28 -13.07 19.83
CA GLN A 198 1.06 -12.84 19.08
C GLN A 198 0.83 -11.36 18.84
N GLN A 199 1.28 -10.51 19.76
CA GLN A 199 1.10 -9.08 19.60
C GLN A 199 1.84 -8.56 18.38
N HIS A 200 3.14 -8.86 18.27
CA HIS A 200 3.84 -8.37 17.09
C HIS A 200 3.37 -9.06 15.81
N GLN A 201 2.97 -10.32 15.89
CA GLN A 201 2.51 -10.98 14.68
C GLN A 201 1.21 -10.36 14.21
N ARG A 202 0.28 -10.12 15.13
CA ARG A 202 -0.98 -9.49 14.73
C ARG A 202 -0.79 -8.05 14.28
N LEU A 203 0.08 -7.30 14.97
CA LEU A 203 0.38 -5.95 14.51
C LEU A 203 0.79 -5.95 13.05
N ALA A 204 1.70 -6.86 12.68
CA ALA A 204 2.14 -6.93 11.29
C ALA A 204 1.02 -7.34 10.35
N GLN A 205 0.22 -8.33 10.75
CA GLN A 205 -0.89 -8.78 9.90
C GLN A 205 -1.83 -7.62 9.61
N LEU A 206 -2.15 -6.84 10.65
CA LEU A 206 -3.07 -5.70 10.46
C LEU A 206 -2.46 -4.63 9.57
N LEU A 207 -1.19 -4.31 9.76
CA LEU A 207 -0.59 -3.24 8.98
C LEU A 207 -0.36 -3.66 7.54
N LEU A 208 -0.14 -4.94 7.27
CA LEU A 208 -0.05 -5.37 5.88
C LEU A 208 -1.38 -5.24 5.15
N ILE A 209 -2.52 -5.29 5.88
CA ILE A 209 -3.81 -5.00 5.26
C ILE A 209 -3.77 -3.64 4.59
N LEU A 210 -3.10 -2.69 5.23
CA LEU A 210 -3.05 -1.32 4.71
C LEU A 210 -2.39 -1.25 3.34
N SER A 211 -1.47 -2.17 3.03
CA SER A 211 -0.91 -2.22 1.68
CA SER A 211 -0.91 -2.22 1.67
C SER A 211 -1.97 -2.61 0.66
N HIS A 212 -2.85 -3.54 1.01
CA HIS A 212 -3.91 -3.93 0.11
C HIS A 212 -4.97 -2.86 0.01
N ILE A 213 -5.27 -2.16 1.11
CA ILE A 213 -6.22 -1.05 1.05
CA ILE A 213 -6.21 -1.05 1.03
C ILE A 213 -5.68 0.06 0.13
N ARG A 214 -4.38 0.35 0.22
CA ARG A 214 -3.78 1.34 -0.67
C ARG A 214 -3.95 0.93 -2.12
N HIS A 215 -3.64 -0.35 -2.41
CA HIS A 215 -3.79 -0.87 -3.76
C HIS A 215 -5.22 -0.68 -4.25
N MET A 216 -6.21 -1.06 -3.44
CA MET A 216 -7.60 -0.93 -3.85
C MET A 216 -7.99 0.53 -4.07
N SER A 217 -7.49 1.44 -3.22
CA SER A 217 -7.76 2.86 -3.45
C SER A 217 -7.18 3.32 -4.77
N ASN A 218 -5.97 2.93 -5.10
CA ASN A 218 -5.41 3.36 -6.37
C ASN A 218 -6.22 2.82 -7.54
N LYS A 219 -6.65 1.57 -7.46
CA LYS A 219 -7.45 1.03 -8.55
C LYS A 219 -8.80 1.73 -8.60
N GLY A 220 -9.39 2.01 -7.44
CA GLY A 220 -10.66 2.73 -7.41
C GLY A 220 -10.55 4.14 -7.92
N MET A 221 -9.42 4.80 -7.67
CA MET A 221 -9.23 6.16 -8.15
C MET A 221 -9.08 6.19 -9.67
N GLU A 222 -8.35 5.22 -10.22
CA GLU A 222 -8.28 5.08 -11.67
CA GLU A 222 -8.28 5.09 -11.66
C GLU A 222 -9.66 4.84 -12.25
N HIS A 223 -10.47 4.02 -11.58
CA HIS A 223 -11.79 3.70 -12.09
C HIS A 223 -12.68 4.94 -12.07
N LEU A 224 -12.65 5.68 -10.97
CA LEU A 224 -13.46 6.89 -10.86
C LEU A 224 -13.06 7.89 -11.94
N TYR A 225 -11.76 8.01 -12.21
CA TYR A 225 -11.34 8.93 -13.27
C TYR A 225 -11.85 8.45 -14.61
N SER A 226 -11.84 7.14 -14.84
CA SER A 226 -12.36 6.62 -16.11
C SER A 226 -13.84 6.94 -16.26
N MET A 227 -14.62 6.76 -15.20
CA MET A 227 -16.04 7.11 -15.24
C MET A 227 -16.23 8.59 -15.54
N LYS A 228 -15.48 9.46 -14.84
CA LYS A 228 -15.55 10.88 -15.10
C LYS A 228 -15.21 11.18 -16.56
N SER A 229 -14.15 10.56 -17.06
CA SER A 229 -13.62 10.88 -18.38
C SER A 229 -14.58 10.44 -19.48
N LYS A 230 -15.53 9.56 -19.16
CA LYS A 230 -16.52 9.07 -20.11
C LYS A 230 -17.88 9.70 -19.87
N ASN A 231 -17.95 10.70 -19.00
CA ASN A 231 -19.20 11.42 -18.71
C ASN A 231 -20.29 10.46 -18.23
N VAL A 232 -19.89 9.45 -17.45
CA VAL A 232 -20.85 8.48 -16.95
C VAL A 232 -21.70 9.09 -15.84
N VAL A 233 -21.09 9.87 -14.98
CA VAL A 233 -21.72 10.32 -13.76
C VAL A 233 -21.22 11.74 -13.50
N PRO A 234 -22.05 12.67 -13.06
CA PRO A 234 -21.49 13.96 -12.63
C PRO A 234 -21.03 13.82 -11.20
N LEU A 235 -19.90 14.45 -10.90
CA LEU A 235 -19.33 14.40 -9.56
C LEU A 235 -19.47 15.77 -8.92
N SER A 236 -19.71 15.79 -7.61
CA SER A 236 -19.74 17.04 -6.88
C SER A 236 -18.40 17.76 -7.03
N ASP A 237 -18.42 19.07 -6.79
CA ASP A 237 -17.19 19.85 -6.82
C ASP A 237 -16.18 19.29 -5.83
N LEU A 238 -16.63 18.88 -4.66
CA LEU A 238 -15.72 18.28 -3.68
C LEU A 238 -15.06 17.04 -4.26
N LEU A 239 -15.85 16.11 -4.79
CA LEU A 239 -15.25 14.89 -5.32
C LEU A 239 -14.32 15.18 -6.49
N LEU A 240 -14.71 16.10 -7.38
CA LEU A 240 -13.82 16.50 -8.47
C LEU A 240 -12.46 16.95 -7.93
N GLU A 241 -12.46 17.72 -6.84
CA GLU A 241 -11.21 18.20 -6.28
C GLU A 241 -10.45 17.09 -5.56
N MET A 242 -11.16 16.21 -4.83
CA MET A 242 -10.49 15.11 -4.14
C MET A 242 -9.89 14.13 -5.14
N LEU A 243 -10.57 13.94 -6.27
CA LEU A 243 -10.05 13.10 -7.35
C LEU A 243 -8.89 13.79 -8.06
N ASP A 244 -9.02 15.09 -8.31
CA ASP A 244 -7.96 15.82 -9.02
C ASP A 244 -6.66 15.85 -8.22
N ALA A 245 -6.74 15.78 -6.89
CA ALA A 245 -5.52 15.71 -6.10
C ALA A 245 -4.69 14.48 -6.43
N HIS A 246 -5.29 13.46 -7.02
CA HIS A 246 -4.58 12.25 -7.43
C HIS A 246 -4.15 12.27 -8.88
N ARG A 247 -4.29 13.43 -9.55
CA ARG A 247 -3.72 13.67 -10.87
C ARG A 247 -2.34 13.07 -11.02
N ASN B 3 5.82 -26.97 9.63
CA ASN B 3 5.69 -28.26 8.97
C ASN B 3 6.98 -28.62 8.25
N SER B 4 7.42 -27.72 7.38
CA SER B 4 8.56 -27.96 6.51
C SER B 4 9.85 -27.49 7.17
N LEU B 5 10.97 -27.73 6.50
CA LEU B 5 12.26 -27.23 7.00
C LEU B 5 12.30 -25.71 6.97
N ALA B 6 11.71 -25.09 5.94
CA ALA B 6 11.70 -23.64 5.87
C ALA B 6 10.93 -23.03 7.03
N LEU B 7 9.79 -23.63 7.38
CA LEU B 7 8.95 -23.09 8.45
C LEU B 7 9.53 -23.36 9.83
N SER B 8 10.62 -24.11 9.93
CA SER B 8 11.27 -24.37 11.21
C SER B 8 12.52 -23.51 11.42
N LEU B 9 12.92 -22.70 10.45
CA LEU B 9 14.13 -21.91 10.59
C LEU B 9 14.01 -20.91 11.73
N THR B 10 15.12 -20.69 12.43
CA THR B 10 15.17 -19.65 13.45
C THR B 10 15.28 -18.27 12.82
N ALA B 11 15.06 -17.25 13.63
CA ALA B 11 15.19 -15.88 13.14
C ALA B 11 16.59 -15.63 12.57
N ASP B 12 17.63 -16.11 13.27
CA ASP B 12 18.97 -15.89 12.76
C ASP B 12 19.17 -16.56 11.41
N GLN B 13 18.62 -17.77 11.26
CA GLN B 13 18.75 -18.50 9.99
C GLN B 13 18.02 -17.78 8.86
N ILE B 14 16.85 -17.22 9.15
CA ILE B 14 16.09 -16.50 8.13
C ILE B 14 16.87 -15.29 7.65
N ILE B 15 17.34 -14.47 8.59
CA ILE B 15 18.10 -13.27 8.23
C ILE B 15 19.36 -13.64 7.46
N SER B 16 20.09 -14.65 7.96
CA SER B 16 21.30 -15.08 7.28
C SER B 16 21.01 -15.51 5.84
N ALA B 17 19.95 -16.28 5.64
CA ALA B 17 19.61 -16.74 4.30
C ALA B 17 19.24 -15.57 3.40
N LEU B 18 18.51 -14.59 3.93
CA LEU B 18 18.11 -13.46 3.11
C LEU B 18 19.31 -12.58 2.76
N LEU B 19 20.23 -12.38 3.71
CA LEU B 19 21.44 -11.63 3.39
C LEU B 19 22.25 -12.33 2.32
N GLU B 20 22.39 -13.65 2.41
CA GLU B 20 23.20 -14.38 1.44
C GLU B 20 22.56 -14.37 0.05
N ALA B 21 21.23 -14.20 -0.03
CA ALA B 21 20.51 -14.22 -1.30
C ALA B 21 20.54 -12.88 -2.03
N GLU B 22 21.13 -11.86 -1.45
CA GLU B 22 21.04 -10.53 -2.04
C GLU B 22 21.53 -10.55 -3.48
N PRO B 23 20.82 -9.89 -4.40
CA PRO B 23 21.21 -9.90 -5.81
C PRO B 23 22.37 -8.96 -6.07
N PRO B 24 23.06 -9.13 -7.20
CA PRO B 24 24.12 -8.19 -7.56
C PRO B 24 23.57 -6.83 -7.95
N ILE B 25 24.44 -5.83 -7.85
CA ILE B 25 24.12 -4.48 -8.29
C ILE B 25 24.63 -4.34 -9.72
N LEU B 26 23.71 -4.10 -10.66
CA LEU B 26 24.05 -4.05 -12.06
C LEU B 26 24.33 -2.61 -12.51
N TYR B 27 25.05 -2.50 -13.63
CA TYR B 27 25.36 -1.21 -14.23
C TYR B 27 24.35 -0.87 -15.33
N SER B 28 24.14 0.42 -15.53
CA SER B 28 23.36 0.92 -16.65
C SER B 28 24.26 1.14 -17.84
N GLU B 29 23.67 1.63 -18.94
CA GLU B 29 24.42 1.94 -20.15
C GLU B 29 24.77 3.43 -20.26
N TYR B 30 24.61 4.18 -19.17
CA TYR B 30 24.64 5.63 -19.26
C TYR B 30 25.93 6.14 -19.91
N ASP B 31 25.75 7.11 -20.82
CA ASP B 31 26.85 7.75 -21.54
C ASP B 31 26.61 9.26 -21.44
N PRO B 32 27.49 10.04 -20.81
CA PRO B 32 27.27 11.50 -20.77
C PRO B 32 27.25 12.15 -22.13
N SER B 33 27.74 11.50 -23.18
CA SER B 33 27.76 12.12 -24.50
C SER B 33 26.41 12.07 -25.20
N ARG B 34 25.44 11.32 -24.66
CA ARG B 34 24.17 11.16 -25.33
C ARG B 34 23.21 12.28 -24.94
N PRO B 35 22.45 12.82 -25.89
CA PRO B 35 21.35 13.72 -25.51
C PRO B 35 20.45 13.04 -24.50
N PHE B 36 20.32 13.63 -23.31
CA PHE B 36 19.52 13.04 -22.23
C PHE B 36 18.04 13.33 -22.49
N SER B 37 17.51 12.59 -23.46
CA SER B 37 16.13 12.77 -23.89
C SER B 37 15.20 11.88 -23.07
N GLU B 38 13.90 12.10 -23.23
CA GLU B 38 12.93 11.24 -22.56
C GLU B 38 13.12 9.79 -22.97
N ALA B 39 13.28 9.55 -24.27
CA ALA B 39 13.46 8.19 -24.77
C ALA B 39 14.76 7.59 -24.26
N TYR B 40 15.84 8.38 -24.20
CA TYR B 40 17.13 7.86 -23.76
C TYR B 40 17.07 7.46 -22.29
N MET B 41 16.51 8.33 -21.46
CA MET B 41 16.43 8.00 -20.04
C MET B 41 15.53 6.80 -19.82
N MET B 42 14.37 6.74 -20.48
CA MET B 42 13.50 5.60 -20.28
C MET B 42 14.14 4.33 -20.78
N GLY B 43 14.92 4.41 -21.85
CA GLY B 43 15.62 3.22 -22.32
C GLY B 43 16.62 2.72 -21.31
N LEU B 44 17.35 3.63 -20.67
CA LEU B 44 18.27 3.22 -19.61
C LEU B 44 17.52 2.52 -18.48
N LEU B 45 16.41 3.10 -18.05
CA LEU B 45 15.72 2.57 -16.87
C LEU B 45 15.07 1.22 -17.15
N THR B 46 14.48 1.05 -18.34
CA THR B 46 13.79 -0.20 -18.63
C THR B 46 14.77 -1.32 -18.99
N ASN B 47 15.87 -0.98 -19.65
CA ASN B 47 16.91 -1.97 -19.91
C ASN B 47 17.49 -2.47 -18.59
N LEU B 48 17.69 -1.57 -17.64
CA LEU B 48 18.18 -1.96 -16.32
C LEU B 48 17.16 -2.83 -15.60
N ALA B 49 15.89 -2.41 -15.59
CA ALA B 49 14.85 -3.19 -14.95
C ALA B 49 14.76 -4.60 -15.52
N ASP B 50 14.85 -4.73 -16.84
CA ASP B 50 14.78 -6.06 -17.45
C ASP B 50 15.91 -6.94 -16.95
N ARG B 51 17.15 -6.42 -16.90
CA ARG B 51 18.25 -7.25 -16.45
C ARG B 51 18.12 -7.57 -14.96
N GLU B 52 17.60 -6.63 -14.17
CA GLU B 52 17.41 -6.90 -12.74
C GLU B 52 16.35 -7.98 -12.50
N LEU B 53 15.35 -8.07 -13.37
CA LEU B 53 14.27 -9.04 -13.15
C LEU B 53 14.80 -10.47 -13.16
N VAL B 54 15.75 -10.76 -14.04
CA VAL B 54 16.28 -12.12 -14.10
C VAL B 54 16.97 -12.47 -12.77
N HIS B 55 17.71 -11.53 -12.20
CA HIS B 55 18.33 -11.75 -10.89
C HIS B 55 17.29 -11.80 -9.78
N MET B 56 16.20 -11.06 -9.92
CA MET B 56 15.14 -11.11 -8.92
C MET B 56 14.53 -12.50 -8.84
N ILE B 57 14.36 -13.16 -9.98
CA ILE B 57 13.81 -14.51 -10.00
C ILE B 57 14.72 -15.47 -9.22
N ASN B 58 16.03 -15.37 -9.44
CA ASN B 58 16.97 -16.17 -8.69
CA ASN B 58 16.99 -16.17 -8.70
C ASN B 58 16.91 -15.87 -7.20
N TRP B 59 16.84 -14.59 -6.84
CA TRP B 59 16.72 -14.21 -5.46
C TRP B 59 15.45 -14.80 -4.83
N ALA B 60 14.32 -14.72 -5.54
CA ALA B 60 13.06 -15.20 -4.96
C ALA B 60 13.15 -16.68 -4.61
N LYS B 61 13.79 -17.47 -5.47
CA LYS B 61 13.94 -18.89 -5.18
C LYS B 61 14.74 -19.16 -3.92
N LYS B 62 15.51 -18.18 -3.43
CA LYS B 62 16.28 -18.31 -2.19
C LYS B 62 15.51 -17.79 -0.97
N VAL B 63 14.36 -17.16 -1.17
CA VAL B 63 13.57 -16.74 -0.02
C VAL B 63 12.97 -17.97 0.63
N PRO B 64 13.17 -18.19 1.93
CA PRO B 64 12.76 -19.45 2.55
C PRO B 64 11.30 -19.79 2.25
N GLY B 65 11.10 -21.02 1.78
CA GLY B 65 9.77 -21.53 1.52
C GLY B 65 9.24 -21.24 0.14
N PHE B 66 9.83 -20.28 -0.59
CA PHE B 66 9.24 -19.81 -1.83
C PHE B 66 9.12 -20.94 -2.85
N VAL B 67 10.17 -21.78 -2.97
CA VAL B 67 10.13 -22.86 -3.94
C VAL B 67 9.26 -24.03 -3.50
N ASP B 68 8.80 -24.03 -2.24
CA ASP B 68 7.82 -25.02 -1.81
C ASP B 68 6.43 -24.71 -2.32
N LEU B 69 6.21 -23.50 -2.85
CA LEU B 69 4.96 -23.14 -3.48
C LEU B 69 4.92 -23.69 -4.90
N SER B 70 3.71 -23.84 -5.44
CA SER B 70 3.60 -24.28 -6.82
C SER B 70 4.17 -23.22 -7.74
N LEU B 71 4.56 -23.65 -8.95
CA LEU B 71 5.05 -22.70 -9.94
C LEU B 71 4.04 -21.61 -10.23
N HIS B 72 2.76 -21.97 -10.31
CA HIS B 72 1.75 -20.95 -10.56
CA HIS B 72 1.73 -20.96 -10.55
C HIS B 72 1.70 -19.93 -9.42
N ASP B 73 1.85 -20.40 -8.18
CA ASP B 73 1.87 -19.46 -7.04
C ASP B 73 3.12 -18.59 -7.08
N GLN B 74 4.27 -19.17 -7.43
CA GLN B 74 5.49 -18.37 -7.55
C GLN B 74 5.33 -17.30 -8.63
N VAL B 75 4.77 -17.68 -9.77
CA VAL B 75 4.52 -16.73 -10.85
C VAL B 75 3.62 -15.61 -10.35
N HIS B 76 2.52 -15.97 -9.69
CA HIS B 76 1.58 -14.97 -9.21
C HIS B 76 2.25 -13.96 -8.28
N LEU B 77 3.07 -14.44 -7.35
CA LEU B 77 3.66 -13.53 -6.37
C LEU B 77 4.67 -12.60 -7.03
N LEU B 78 5.47 -13.11 -7.97
CA LEU B 78 6.43 -12.24 -8.65
C LEU B 78 5.73 -11.25 -9.58
N GLU B 79 4.66 -11.69 -10.24
CA GLU B 79 3.91 -10.77 -11.09
C GLU B 79 3.34 -9.62 -10.27
N SER B 80 2.91 -9.91 -9.05
CA SER B 80 2.32 -8.86 -8.21
CA SER B 80 2.31 -8.87 -8.22
C SER B 80 3.37 -7.93 -7.66
N ALA B 81 4.53 -8.46 -7.27
CA ALA B 81 5.49 -7.74 -6.44
C ALA B 81 6.65 -7.10 -7.19
N TRP B 82 6.87 -7.42 -8.47
CA TRP B 82 8.19 -7.14 -9.06
C TRP B 82 8.55 -5.67 -9.00
N LEU B 83 7.62 -4.77 -9.30
CA LEU B 83 7.99 -3.35 -9.32
C LEU B 83 8.18 -2.81 -7.90
N GLU B 84 7.39 -3.29 -6.94
CA GLU B 84 7.66 -2.96 -5.55
C GLU B 84 9.07 -3.37 -5.16
N ILE B 85 9.51 -4.54 -5.61
CA ILE B 85 10.82 -5.04 -5.24
C ILE B 85 11.92 -4.20 -5.89
N LEU B 86 11.77 -3.87 -7.18
CA LEU B 86 12.75 -2.99 -7.80
C LEU B 86 12.83 -1.66 -7.07
N MET B 87 11.68 -1.13 -6.62
CA MET B 87 11.65 0.20 -6.02
C MET B 87 12.25 0.19 -4.63
N ILE B 88 11.94 -0.81 -3.81
CA ILE B 88 12.56 -0.84 -2.48
C ILE B 88 14.06 -1.01 -2.60
N GLY B 89 14.51 -1.81 -3.58
CA GLY B 89 15.94 -1.89 -3.84
C GLY B 89 16.55 -0.55 -4.19
N LEU B 90 15.88 0.19 -5.09
CA LEU B 90 16.36 1.51 -5.48
C LEU B 90 16.47 2.44 -4.28
N VAL B 91 15.41 2.49 -3.46
CA VAL B 91 15.41 3.35 -2.29
C VAL B 91 16.55 2.97 -1.35
N TRP B 92 16.77 1.67 -1.17
CA TRP B 92 17.86 1.22 -0.32
C TRP B 92 19.21 1.68 -0.86
N ARG B 93 19.45 1.47 -2.16
CA ARG B 93 20.73 1.88 -2.76
C ARG B 93 20.95 3.39 -2.63
N SER B 94 19.87 4.16 -2.56
CA SER B 94 19.92 5.61 -2.59
C SER B 94 20.06 6.25 -1.21
N MET B 95 19.96 5.46 -0.13
CA MET B 95 19.99 6.05 1.21
CA MET B 95 19.98 6.04 1.21
C MET B 95 21.21 6.92 1.41
N ASP B 96 22.36 6.48 0.88
CA ASP B 96 23.61 7.20 1.10
C ASP B 96 23.79 8.40 0.19
N HIS B 97 22.79 8.77 -0.61
CA HIS B 97 22.90 9.86 -1.58
C HIS B 97 21.68 10.78 -1.46
N PRO B 98 21.65 11.62 -0.42
CA PRO B 98 20.53 12.55 -0.27
C PRO B 98 20.26 13.31 -1.56
N GLY B 99 18.98 13.33 -1.94
CA GLY B 99 18.55 14.07 -3.11
C GLY B 99 18.75 13.35 -4.43
N LYS B 100 19.25 12.11 -4.41
CA LYS B 100 19.53 11.38 -5.63
C LYS B 100 18.98 9.97 -5.54
N LEU B 101 18.72 9.40 -6.70
CA LEU B 101 18.30 8.00 -6.82
C LEU B 101 19.43 7.25 -7.53
N LEU B 102 20.01 6.27 -6.83
CA LEU B 102 21.08 5.45 -7.39
C LEU B 102 20.46 4.27 -8.11
N PHE B 103 20.03 4.51 -9.35
CA PHE B 103 19.54 3.41 -10.18
C PHE B 103 20.62 2.38 -10.38
N ALA B 104 21.84 2.83 -10.61
CA ALA B 104 23.01 1.98 -10.77
C ALA B 104 24.22 2.80 -10.35
N PRO B 105 25.37 2.16 -10.10
CA PRO B 105 26.53 2.95 -9.66
C PRO B 105 26.92 4.04 -10.63
N ASP B 106 26.65 3.85 -11.92
CA ASP B 106 26.95 4.84 -12.95
C ASP B 106 25.75 5.71 -13.31
N LEU B 107 24.62 5.55 -12.63
CA LEU B 107 23.39 6.26 -12.99
C LEU B 107 22.75 6.76 -11.69
N LEU B 108 23.18 7.94 -11.25
CA LEU B 108 22.69 8.60 -10.05
C LEU B 108 21.96 9.87 -10.50
N LEU B 109 20.64 9.89 -10.37
CA LEU B 109 19.80 10.95 -10.91
C LEU B 109 19.14 11.74 -9.79
N ASP B 110 19.07 13.06 -9.97
CA ASP B 110 18.33 13.92 -9.06
C ASP B 110 16.97 14.24 -9.67
N ARG B 111 16.13 14.96 -8.91
CA ARG B 111 14.77 15.18 -9.38
C ARG B 111 14.73 16.04 -10.65
N GLU B 112 15.68 16.96 -10.81
CA GLU B 112 15.69 17.78 -12.01
C GLU B 112 15.98 16.94 -13.24
N GLN B 113 16.86 15.94 -13.11
CA GLN B 113 17.03 14.99 -14.20
C GLN B 113 15.76 14.18 -14.43
N GLY B 114 15.02 13.87 -13.36
CA GLY B 114 13.78 13.11 -13.53
C GLY B 114 12.77 13.84 -14.38
N LYS B 115 12.81 15.17 -14.36
CA LYS B 115 11.93 15.97 -15.18
C LYS B 115 12.13 15.73 -16.67
N SER B 116 13.19 15.03 -17.07
CA SER B 116 13.40 14.75 -18.48
C SER B 116 12.33 13.83 -19.06
N VAL B 117 11.61 13.08 -18.23
CA VAL B 117 10.57 12.17 -18.68
C VAL B 117 9.24 12.69 -18.17
N GLU B 118 8.26 12.81 -19.07
CA GLU B 118 6.94 13.28 -18.65
C GLU B 118 6.36 12.36 -17.60
N GLY B 119 5.89 12.93 -16.51
CA GLY B 119 5.24 12.19 -15.45
C GLY B 119 6.19 11.53 -14.47
N MET B 120 7.49 11.65 -14.68
CA MET B 120 8.47 10.95 -13.86
C MET B 120 8.83 11.70 -12.59
N VAL B 121 8.83 13.03 -12.61
CA VAL B 121 9.35 13.76 -11.45
C VAL B 121 8.48 13.50 -10.22
N GLU B 122 7.18 13.35 -10.42
CA GLU B 122 6.29 13.04 -9.30
C GLU B 122 6.66 11.69 -8.67
N ILE B 123 7.03 10.70 -9.48
CA ILE B 123 7.46 9.42 -8.95
C ILE B 123 8.82 9.54 -8.27
N PHE B 124 9.75 10.26 -8.90
CA PHE B 124 11.04 10.53 -8.28
C PHE B 124 10.85 11.12 -6.89
N ASP B 125 9.95 12.10 -6.75
CA ASP B 125 9.79 12.75 -5.46
C ASP B 125 9.32 11.76 -4.40
N MET B 126 8.42 10.86 -4.78
CA MET B 126 7.97 9.86 -3.81
C MET B 126 9.11 8.93 -3.43
N LEU B 127 9.90 8.50 -4.42
CA LEU B 127 11.03 7.61 -4.14
C LEU B 127 12.08 8.31 -3.30
N LEU B 128 12.35 9.59 -3.60
CA LEU B 128 13.27 10.37 -2.79
C LEU B 128 12.78 10.54 -1.37
N ALA B 129 11.47 10.77 -1.18
CA ALA B 129 10.94 10.91 0.17
C ALA B 129 11.08 9.60 0.95
N THR B 130 10.93 8.47 0.26
CA THR B 130 11.05 7.19 0.93
C THR B 130 12.49 6.93 1.34
N SER B 131 13.45 7.26 0.47
CA SER B 131 14.86 7.14 0.82
C SER B 131 15.21 8.00 2.02
N GLU B 132 14.68 9.23 2.05
CA GLU B 132 14.88 10.09 3.20
C GLU B 132 14.33 9.45 4.47
N ARG B 133 13.14 8.82 4.38
CA ARG B 133 12.60 8.13 5.54
C ARG B 133 13.54 7.02 6.02
N PHE B 134 14.03 6.19 5.08
CA PHE B 134 15.01 5.16 5.44
C PHE B 134 16.21 5.78 6.14
N ARG B 135 16.70 6.91 5.64
CA ARG B 135 17.84 7.57 6.26
C ARG B 135 17.49 8.04 7.67
N GLU B 136 16.33 8.67 7.83
CA GLU B 136 15.89 9.11 9.15
C GLU B 136 15.82 7.94 10.12
N MET B 137 15.33 6.79 9.66
CA MET B 137 15.19 5.62 10.53
C MET B 137 16.50 4.86 10.71
N LYS B 138 17.54 5.22 9.98
CA LYS B 138 18.77 4.43 9.98
C LYS B 138 18.45 2.96 9.70
N LEU B 139 17.72 2.72 8.63
CA LEU B 139 17.37 1.37 8.24
C LEU B 139 18.63 0.54 8.04
N GLN B 140 18.59 -0.69 8.56
CA GLN B 140 19.70 -1.62 8.46
C GLN B 140 19.44 -2.67 7.38
N ARG B 141 20.53 -3.20 6.85
CA ARG B 141 20.41 -4.20 5.79
C ARG B 141 19.55 -5.37 6.21
N GLU B 142 19.68 -5.81 7.48
CA GLU B 142 18.88 -6.93 7.96
C GLU B 142 17.39 -6.62 7.91
N GLU B 143 17.01 -5.37 8.19
CA GLU B 143 15.61 -4.98 8.12
C GLU B 143 15.14 -4.88 6.67
N PHE B 144 15.97 -4.29 5.82
CA PHE B 144 15.68 -4.20 4.39
C PHE B 144 15.36 -5.56 3.77
N VAL B 145 16.20 -6.56 4.00
CA VAL B 145 15.97 -7.84 3.35
C VAL B 145 14.70 -8.50 3.88
N CYS B 146 14.38 -8.32 5.16
CA CYS B 146 13.10 -8.82 5.67
C CYS B 146 11.94 -8.14 4.96
N LEU B 147 12.01 -6.82 4.81
CA LEU B 147 10.94 -6.11 4.12
C LEU B 147 10.75 -6.62 2.70
N LYS B 148 11.85 -6.86 1.97
CA LYS B 148 11.72 -7.32 0.58
C LYS B 148 11.04 -8.67 0.52
N ALA B 149 11.38 -9.55 1.45
CA ALA B 149 10.75 -10.86 1.50
C ALA B 149 9.27 -10.74 1.84
N ILE B 150 8.93 -9.80 2.72
CA ILE B 150 7.52 -9.56 3.06
C ILE B 150 6.75 -9.08 1.82
N ILE B 151 7.33 -8.16 1.05
CA ILE B 151 6.69 -7.69 -0.18
C ILE B 151 6.37 -8.87 -1.09
N LEU B 152 7.38 -9.73 -1.33
CA LEU B 152 7.18 -10.86 -2.21
C LEU B 152 6.00 -11.73 -1.76
N LEU B 153 5.92 -12.01 -0.45
CA LEU B 153 4.91 -12.93 0.02
C LEU B 153 3.55 -12.26 0.22
N ASN B 154 3.52 -10.97 0.52
CA ASN B 154 2.27 -10.30 0.87
C ASN B 154 1.53 -9.71 -0.32
N SER B 155 2.24 -9.24 -1.35
CA SER B 155 1.56 -8.33 -2.26
C SER B 155 0.43 -9.02 -3.03
N GLY B 156 0.62 -10.29 -3.41
CA GLY B 156 -0.41 -11.05 -4.09
C GLY B 156 -1.25 -11.97 -3.22
N VAL B 157 -1.12 -11.89 -1.89
CA VAL B 157 -1.70 -12.93 -1.05
C VAL B 157 -3.21 -12.79 -0.87
N TYR B 158 -3.78 -11.59 -1.07
CA TYR B 158 -5.23 -11.47 -0.99
C TYR B 158 -5.92 -11.99 -2.25
N THR B 159 -5.22 -12.03 -3.38
CA THR B 159 -5.74 -12.60 -4.60
C THR B 159 -5.44 -14.10 -4.71
N PHE B 160 -4.90 -14.70 -3.66
CA PHE B 160 -4.51 -16.10 -3.66
C PHE B 160 -5.74 -16.97 -3.43
N LEU B 161 -6.03 -17.85 -4.39
CA LEU B 161 -7.24 -18.66 -4.31
C LEU B 161 -7.04 -19.82 -3.34
N SER B 162 -8.11 -20.16 -2.62
CA SER B 162 -8.09 -21.23 -1.64
C SER B 162 -9.35 -22.09 -1.78
N SER B 163 -9.71 -22.41 -3.02
CA SER B 163 -10.91 -23.19 -3.31
CA SER B 163 -10.91 -23.19 -3.31
C SER B 163 -10.71 -24.68 -3.08
N THR B 164 -9.47 -25.15 -2.95
CA THR B 164 -9.17 -26.54 -2.71
C THR B 164 -8.41 -26.68 -1.40
N LEU B 165 -8.40 -27.89 -0.85
CA LEU B 165 -7.68 -28.13 0.39
C LEU B 165 -6.17 -27.98 0.21
N LYS B 166 -5.66 -28.13 -1.01
CA LYS B 166 -4.24 -27.95 -1.26
C LYS B 166 -3.89 -26.47 -1.42
N SER B 167 -4.65 -25.75 -2.24
CA SER B 167 -4.43 -24.31 -2.39
C SER B 167 -4.63 -23.58 -1.06
N LEU B 168 -5.54 -24.08 -0.22
CA LEU B 168 -5.68 -23.52 1.12
C LEU B 168 -4.45 -23.82 1.96
N GLU B 169 -3.86 -25.00 1.77
CA GLU B 169 -2.60 -25.32 2.44
C GLU B 169 -1.51 -24.32 2.05
N ASN B 170 -1.38 -24.06 0.75
CA ASN B 170 -0.38 -23.09 0.28
C ASN B 170 -0.62 -21.71 0.88
N LYS B 171 -1.87 -21.24 0.90
CA LYS B 171 -2.16 -19.93 1.49
C LYS B 171 -1.75 -19.89 2.96
N GLU B 172 -2.07 -20.94 3.71
CA GLU B 172 -1.68 -20.99 5.12
C GLU B 172 -0.16 -20.95 5.28
N LYS B 173 0.56 -21.64 4.39
CA LYS B 173 2.02 -21.63 4.48
C LYS B 173 2.57 -20.22 4.26
N ILE B 174 1.99 -19.48 3.31
CA ILE B 174 2.43 -18.12 3.07
C ILE B 174 2.21 -17.26 4.32
N HIS B 175 1.04 -17.40 4.94
CA HIS B 175 0.77 -16.61 6.13
C HIS B 175 1.69 -17.00 7.29
N ARG B 176 2.02 -18.29 7.42
CA ARG B 176 2.95 -18.69 8.47
C ARG B 176 4.34 -18.15 8.22
N MET B 177 4.77 -18.12 6.96
CA MET B 177 6.09 -17.56 6.66
C MET B 177 6.12 -16.06 6.89
N LEU B 178 5.03 -15.36 6.55
CA LEU B 178 4.97 -13.94 6.87
C LEU B 178 5.14 -13.70 8.37
N ASP B 179 4.50 -14.52 9.20
CA ASP B 179 4.69 -14.40 10.64
C ASP B 179 6.13 -14.65 11.04
N LYS B 180 6.80 -15.61 10.40
CA LYS B 180 8.19 -15.90 10.73
C LYS B 180 9.11 -14.76 10.36
N ILE B 181 8.84 -14.08 9.25
CA ILE B 181 9.68 -12.92 8.92
C ILE B 181 9.44 -11.79 9.90
N THR B 182 8.19 -11.58 10.32
CA THR B 182 7.94 -10.62 11.39
C THR B 182 8.75 -10.99 12.63
N ASP B 183 8.72 -12.26 13.03
CA ASP B 183 9.53 -12.72 14.15
C ASP B 183 10.99 -12.35 13.95
N ALA B 184 11.49 -12.50 12.72
CA ALA B 184 12.91 -12.26 12.48
C ALA B 184 13.26 -10.78 12.59
N LEU B 185 12.39 -9.91 12.05
CA LEU B 185 12.57 -8.46 12.19
C LEU B 185 12.60 -8.06 13.66
N ILE B 186 11.65 -8.55 14.44
CA ILE B 186 11.60 -8.23 15.87
C ILE B 186 12.84 -8.76 16.57
N TRP B 187 13.27 -9.98 16.24
CA TRP B 187 14.48 -10.55 16.84
C TRP B 187 15.69 -9.67 16.55
N TYR B 188 15.80 -9.20 15.30
CA TYR B 188 16.91 -8.31 14.96
C TYR B 188 16.84 -7.02 15.76
N MET B 189 15.64 -6.42 15.86
CA MET B 189 15.51 -5.19 16.62
C MET B 189 15.81 -5.43 18.09
N ALA B 190 15.36 -6.55 18.64
CA ALA B 190 15.63 -6.84 20.04
C ALA B 190 17.12 -7.00 20.28
N LYS B 191 17.81 -7.72 19.39
CA LYS B 191 19.25 -7.92 19.54
C LYS B 191 19.99 -6.59 19.46
N SER B 192 19.40 -5.62 18.76
CA SER B 192 19.99 -4.30 18.60
C SER B 192 19.79 -3.41 19.83
N GLY B 193 19.06 -3.89 20.84
CA GLY B 193 18.93 -3.17 22.09
C GLY B 193 17.67 -2.37 22.26
N LEU B 194 16.74 -2.41 21.32
CA LEU B 194 15.52 -1.63 21.43
CA LEU B 194 15.52 -1.63 21.43
C LEU B 194 14.60 -2.22 22.51
N SER B 195 13.93 -1.33 23.23
CA SER B 195 12.91 -1.75 24.18
C SER B 195 11.72 -2.35 23.44
N LEU B 196 10.84 -3.03 24.17
CA LEU B 196 9.66 -3.61 23.53
C LEU B 196 8.84 -2.53 22.84
N GLN B 197 8.65 -1.40 23.52
CA GLN B 197 7.88 -0.30 22.93
C GLN B 197 8.53 0.19 21.64
N GLN B 198 9.86 0.31 21.65
CA GLN B 198 10.57 0.78 20.47
C GLN B 198 10.53 -0.26 19.36
N GLN B 199 10.58 -1.53 19.72
CA GLN B 199 10.47 -2.61 18.73
C GLN B 199 9.14 -2.56 18.01
N HIS B 200 8.04 -2.44 18.76
CA HIS B 200 6.74 -2.44 18.12
C HIS B 200 6.55 -1.16 17.30
N GLN B 201 7.03 -0.03 17.82
CA GLN B 201 6.93 1.21 17.06
C GLN B 201 7.71 1.11 15.75
N ARG B 202 8.90 0.52 15.80
CA ARG B 202 9.72 0.44 14.58
C ARG B 202 9.16 -0.56 13.58
N LEU B 203 8.64 -1.70 14.08
CA LEU B 203 7.98 -2.64 13.19
C LEU B 203 6.85 -1.94 12.42
N ALA B 204 6.02 -1.17 13.13
CA ALA B 204 4.94 -0.43 12.48
C ALA B 204 5.48 0.58 11.47
N GLN B 205 6.48 1.36 11.87
CA GLN B 205 7.08 2.32 10.94
C GLN B 205 7.52 1.63 9.66
N LEU B 206 8.19 0.48 9.79
CA LEU B 206 8.71 -0.21 8.61
C LEU B 206 7.58 -0.72 7.73
N LEU B 207 6.54 -1.30 8.33
CA LEU B 207 5.48 -1.87 7.51
C LEU B 207 4.62 -0.79 6.88
N LEU B 208 4.50 0.38 7.52
CA LEU B 208 3.78 1.46 6.86
C LEU B 208 4.51 1.92 5.60
N ILE B 209 5.85 1.81 5.58
CA ILE B 209 6.57 2.15 4.37
C ILE B 209 6.14 1.26 3.22
N LEU B 210 5.79 0.01 3.51
CA LEU B 210 5.32 -0.89 2.46
C LEU B 210 4.04 -0.38 1.81
N SER B 211 3.18 0.35 2.53
CA SER B 211 2.00 0.92 1.89
CA SER B 211 2.01 0.91 1.89
CA SER B 211 2.00 0.91 1.89
C SER B 211 2.41 1.98 0.87
N HIS B 212 3.44 2.75 1.20
CA HIS B 212 3.96 3.74 0.25
CA HIS B 212 3.95 3.73 0.26
C HIS B 212 4.63 3.07 -0.94
N ILE B 213 5.36 1.97 -0.71
CA ILE B 213 5.98 1.25 -1.82
CA ILE B 213 5.98 1.26 -1.83
C ILE B 213 4.90 0.70 -2.75
N ARG B 214 3.81 0.17 -2.18
CA ARG B 214 2.70 -0.29 -3.02
C ARG B 214 2.16 0.87 -3.86
N HIS B 215 1.94 2.03 -3.23
CA HIS B 215 1.44 3.20 -3.94
C HIS B 215 2.36 3.58 -5.09
N MET B 216 3.67 3.60 -4.83
CA MET B 216 4.62 3.99 -5.87
C MET B 216 4.64 2.97 -7.00
N SER B 217 4.53 1.69 -6.67
CA SER B 217 4.47 0.68 -7.71
C SER B 217 3.23 0.85 -8.59
N ASN B 218 2.08 1.12 -7.98
CA ASN B 218 0.87 1.35 -8.76
C ASN B 218 1.05 2.52 -9.72
N LYS B 219 1.62 3.62 -9.22
CA LYS B 219 1.84 4.79 -10.07
C LYS B 219 2.87 4.49 -11.15
N GLY B 220 3.92 3.74 -10.80
CA GLY B 220 4.95 3.42 -11.78
C GLY B 220 4.42 2.51 -12.88
N MET B 221 3.54 1.58 -12.51
CA MET B 221 2.97 0.67 -13.50
C MET B 221 2.11 1.43 -14.50
N GLU B 222 1.32 2.39 -14.00
CA GLU B 222 0.56 3.25 -14.89
CA GLU B 222 0.55 3.24 -14.89
C GLU B 222 1.48 4.01 -15.82
N HIS B 223 2.59 4.52 -15.28
CA HIS B 223 3.52 5.28 -16.11
C HIS B 223 4.14 4.40 -17.18
N LEU B 224 4.57 3.19 -16.81
CA LEU B 224 5.19 2.29 -17.76
C LEU B 224 4.21 1.93 -18.87
N TYR B 225 2.95 1.68 -18.51
CA TYR B 225 1.94 1.41 -19.51
C TYR B 225 1.81 2.58 -20.47
N SER B 226 1.82 3.80 -19.94
CA SER B 226 1.74 4.99 -20.79
C SER B 226 2.92 5.05 -21.75
N MET B 227 4.14 4.82 -21.24
CA MET B 227 5.31 4.84 -22.11
C MET B 227 5.24 3.73 -23.15
N LYS B 228 4.69 2.58 -22.77
CA LYS B 228 4.47 1.51 -23.74
C LYS B 228 3.49 1.94 -24.82
N SER B 229 2.35 2.50 -24.41
CA SER B 229 1.33 2.90 -25.38
C SER B 229 1.86 3.93 -26.35
N LYS B 230 2.55 4.94 -25.85
CA LYS B 230 3.06 6.02 -26.70
C LYS B 230 4.27 5.61 -27.53
N ASN B 231 4.72 4.36 -27.43
CA ASN B 231 5.91 3.90 -28.14
C ASN B 231 7.12 4.78 -27.84
N VAL B 232 7.18 5.32 -26.62
CA VAL B 232 8.34 6.12 -26.22
C VAL B 232 9.59 5.26 -26.22
N VAL B 233 9.45 3.97 -25.90
CA VAL B 233 10.59 3.10 -25.66
C VAL B 233 10.16 1.67 -25.99
N PRO B 234 11.02 0.85 -26.59
CA PRO B 234 10.68 -0.57 -26.75
C PRO B 234 10.97 -1.31 -25.45
N LEU B 235 10.09 -2.24 -25.11
CA LEU B 235 10.20 -3.00 -23.87
C LEU B 235 10.44 -4.47 -24.18
N SER B 236 11.23 -5.12 -23.34
CA SER B 236 11.52 -6.53 -23.51
C SER B 236 10.24 -7.36 -23.44
N ASP B 237 10.31 -8.58 -23.95
CA ASP B 237 9.16 -9.49 -23.85
C ASP B 237 8.80 -9.76 -22.40
N LEU B 238 9.81 -9.98 -21.55
CA LEU B 238 9.51 -10.27 -20.15
C LEU B 238 8.87 -9.07 -19.47
N LEU B 239 9.40 -7.87 -19.71
CA LEU B 239 8.80 -6.68 -19.12
C LEU B 239 7.38 -6.48 -19.61
N LEU B 240 7.13 -6.76 -20.89
CA LEU B 240 5.78 -6.63 -21.43
C LEU B 240 4.82 -7.60 -20.75
N GLU B 241 5.26 -8.82 -20.46
CA GLU B 241 4.40 -9.78 -19.77
C GLU B 241 4.19 -9.39 -18.31
N MET B 242 5.24 -8.92 -17.63
CA MET B 242 5.10 -8.50 -16.24
CA MET B 242 5.11 -8.50 -16.25
C MET B 242 4.16 -7.31 -16.14
N LEU B 243 4.25 -6.38 -17.10
CA LEU B 243 3.33 -5.25 -17.13
C LEU B 243 1.91 -5.72 -17.42
N ASP B 244 1.77 -6.70 -18.31
CA ASP B 244 0.45 -7.19 -18.71
C ASP B 244 -0.28 -7.87 -17.56
N ALA B 245 0.45 -8.48 -16.63
CA ALA B 245 -0.18 -9.11 -15.48
C ALA B 245 -0.90 -8.11 -14.60
N HIS B 246 -0.61 -6.82 -14.74
CA HIS B 246 -1.33 -5.77 -14.06
C HIS B 246 -2.42 -5.17 -14.95
N ARG B 247 -2.75 -5.84 -16.05
CA ARG B 247 -3.74 -5.36 -17.01
C ARG B 247 -3.27 -4.08 -17.69
N HIS C 3 -10.79 29.32 -2.99
CA HIS C 3 -10.03 28.24 -2.37
C HIS C 3 -10.78 26.92 -2.52
N LYS C 4 -10.13 25.83 -2.11
CA LYS C 4 -10.70 24.53 -2.39
C LYS C 4 -11.76 24.18 -1.35
N ILE C 5 -12.69 23.33 -1.77
CA ILE C 5 -13.82 22.99 -0.92
C ILE C 5 -13.35 22.30 0.35
N LEU C 6 -12.42 21.36 0.22
CA LEU C 6 -11.96 20.65 1.41
C LEU C 6 -11.35 21.61 2.43
N HIS C 7 -10.56 22.57 1.95
CA HIS C 7 -9.95 23.55 2.84
C HIS C 7 -11.02 24.36 3.56
N ARG C 8 -12.06 24.78 2.84
CA ARG C 8 -13.14 25.52 3.46
CA ARG C 8 -13.14 25.52 3.46
C ARG C 8 -13.84 24.69 4.52
N LEU C 9 -14.12 23.41 4.22
CA LEU C 9 -14.83 22.57 5.18
C LEU C 9 -14.00 22.28 6.41
N LEU C 10 -12.68 22.22 6.26
CA LEU C 10 -11.82 22.00 7.41
C LEU C 10 -11.82 23.18 8.36
N GLN C 11 -12.38 24.32 7.96
CA GLN C 11 -12.41 25.48 8.83
C GLN C 11 -13.64 25.55 9.72
N ASP C 12 -14.74 24.92 9.32
CA ASP C 12 -15.88 24.81 10.20
C ASP C 12 -15.49 24.06 11.47
N SER C 13 -16.25 24.30 12.54
CA SER C 13 -15.91 23.70 13.83
C SER C 13 -16.48 22.29 13.94
N SER C 14 -15.96 21.56 14.92
CA SER C 14 -16.38 20.21 15.33
C SER C 14 -15.18 19.27 15.35
N LYS D 2 1.57 -21.85 -18.30
CA LYS D 2 2.80 -22.62 -18.54
C LYS D 2 3.65 -22.08 -19.70
N HIS D 3 3.07 -21.15 -20.47
CA HIS D 3 3.74 -20.55 -21.62
C HIS D 3 4.41 -19.22 -21.31
N LYS D 4 4.16 -18.64 -20.12
CA LYS D 4 4.75 -17.36 -19.77
C LYS D 4 6.27 -17.48 -19.66
N ILE D 5 6.96 -16.40 -20.00
CA ILE D 5 8.41 -16.37 -19.81
C ILE D 5 8.75 -16.58 -18.34
N LEU D 6 8.01 -15.92 -17.45
CA LEU D 6 8.29 -16.03 -16.03
C LEU D 6 8.18 -17.49 -15.57
N HIS D 7 7.17 -18.20 -16.07
CA HIS D 7 7.03 -19.61 -15.75
C HIS D 7 8.27 -20.38 -16.18
N ARG D 8 8.80 -20.08 -17.38
CA ARG D 8 9.98 -20.78 -17.86
CA ARG D 8 9.98 -20.78 -17.86
C ARG D 8 11.20 -20.44 -17.01
N LEU D 9 11.36 -19.18 -16.62
CA LEU D 9 12.55 -18.79 -15.88
C LEU D 9 12.56 -19.38 -14.47
N LEU D 10 11.39 -19.58 -13.87
CA LEU D 10 11.32 -20.09 -12.50
C LEU D 10 11.67 -21.57 -12.42
N GLN D 11 11.64 -22.29 -13.53
CA GLN D 11 12.02 -23.70 -13.54
C GLN D 11 13.52 -23.91 -13.73
N ASP D 12 14.29 -22.84 -13.86
CA ASP D 12 15.74 -22.96 -14.05
C ASP D 12 16.49 -22.89 -12.72
#